data_6BR7
#
_entry.id   6BR7
#
_cell.length_a   52.163
_cell.length_b   52.163
_cell.length_c   197.566
_cell.angle_alpha   90.00
_cell.angle_beta   90.00
_cell.angle_gamma   120.00
#
_symmetry.space_group_name_H-M   'P 65'
#
loop_
_entity.id
_entity.type
_entity.pdbx_description
1 polymer BfmR
2 non-polymer 'BERYLLIUM TRIFLUORIDE ION'
3 non-polymer 'MAGNESIUM ION'
4 water water
#
_entity_poly.entity_id   1
_entity_poly.type   'polypeptide(L)'
_entity_poly.pdbx_seq_one_letter_code
;GSHMSQEEKLPKILIVEDDERLARLTQEYLIRNGLEVGVETDGNRAIRRIISEQPDLVVLDVMLPGADGLTVCREVRPHY
HQPILMLTARTEDMDQVLGLEMGADDYVAKPVQPRVLLARIRALLRRTDKTVE
;
_entity_poly.pdbx_strand_id   A,B
#
loop_
_chem_comp.id
_chem_comp.type
_chem_comp.name
_chem_comp.formula
BEF non-polymer 'BERYLLIUM TRIFLUORIDE ION' 'Be F3 -1'
MG non-polymer 'MAGNESIUM ION' 'Mg 2'
#
# COMPACT_ATOMS: atom_id res chain seq x y z
N GLU A 8 12.38 18.98 16.21
CA GLU A 8 11.84 17.72 15.74
C GLU A 8 12.55 17.27 14.47
N LYS A 9 12.43 15.97 14.15
CA LYS A 9 13.08 15.38 12.98
C LYS A 9 11.99 14.99 11.98
N LEU A 10 11.95 15.67 10.84
CA LEU A 10 10.92 15.40 9.85
C LEU A 10 11.29 14.18 9.01
N PRO A 11 10.30 13.41 8.56
CA PRO A 11 10.59 12.33 7.61
C PRO A 11 11.18 12.90 6.32
N LYS A 12 12.20 12.23 5.80
CA LYS A 12 12.88 12.65 4.59
C LYS A 12 12.33 11.88 3.40
N ILE A 13 11.84 12.61 2.40
CA ILE A 13 11.25 12.04 1.20
C ILE A 13 12.09 12.44 0.01
N LEU A 14 12.32 11.50 -0.92
CA LEU A 14 12.93 11.80 -2.20
C LEU A 14 11.92 11.52 -3.30
N ILE A 15 11.60 12.55 -4.08
CA ILE A 15 10.75 12.41 -5.25
C ILE A 15 11.65 12.21 -6.45
N VAL A 16 11.44 11.10 -7.18
CA VAL A 16 12.15 10.81 -8.41
C VAL A 16 11.14 10.94 -9.55
N GLU A 17 11.29 11.99 -10.35
CA GLU A 17 10.28 12.36 -11.33
C GLU A 17 10.93 13.26 -12.37
N ASP A 18 10.80 12.91 -13.65
CA ASP A 18 11.48 13.65 -14.70
C ASP A 18 10.67 14.84 -15.21
N ASP A 19 9.37 14.91 -14.91
CA ASP A 19 8.60 16.13 -15.16
C ASP A 19 8.94 17.12 -14.05
N GLU A 20 9.82 18.07 -14.36
CA GLU A 20 10.41 18.91 -13.32
C GLU A 20 9.35 19.76 -12.62
N ARG A 21 8.43 20.34 -13.39
CA ARG A 21 7.39 21.16 -12.79
C ARG A 21 6.51 20.33 -11.87
N LEU A 22 6.07 19.17 -12.34
CA LEU A 22 5.25 18.28 -11.52
C LEU A 22 5.99 17.89 -10.25
N ALA A 23 7.25 17.46 -10.38
CA ALA A 23 8.03 17.11 -9.20
C ALA A 23 8.04 18.25 -8.19
N ARG A 24 8.19 19.48 -8.67
CA ARG A 24 8.29 20.62 -7.77
C ARG A 24 6.97 20.89 -7.07
N LEU A 25 5.86 20.85 -7.80
CA LEU A 25 4.56 21.08 -7.17
C LEU A 25 4.27 20.03 -6.12
N THR A 26 4.57 18.76 -6.42
CA THR A 26 4.41 17.70 -5.43
C THR A 26 5.31 17.95 -4.23
N GLN A 27 6.57 18.31 -4.49
CA GLN A 27 7.51 18.63 -3.40
C GLN A 27 6.95 19.71 -2.49
N GLU A 28 6.47 20.81 -3.06
CA GLU A 28 6.01 21.93 -2.25
C GLU A 28 4.82 21.52 -1.39
N TYR A 29 3.91 20.73 -1.94
CA TYR A 29 2.75 20.29 -1.17
C TYR A 29 3.19 19.45 0.03
N LEU A 30 4.10 18.51 -0.19
CA LEU A 30 4.53 17.63 0.90
C LEU A 30 5.30 18.42 1.95
N ILE A 31 6.09 19.41 1.54
CA ILE A 31 6.81 20.23 2.51
C ILE A 31 5.83 20.96 3.40
N ARG A 32 4.71 21.42 2.83
CA ARG A 32 3.69 22.11 3.62
C ARG A 32 2.99 21.20 4.62
N ASN A 33 3.27 19.89 4.58
CA ASN A 33 2.60 18.92 5.44
C ASN A 33 3.61 18.13 6.26
N GLY A 34 4.68 18.78 6.69
CA GLY A 34 5.56 18.23 7.70
C GLY A 34 6.60 17.25 7.19
N LEU A 35 6.96 17.32 5.92
CA LEU A 35 7.95 16.42 5.35
C LEU A 35 9.13 17.22 4.79
N GLU A 36 10.31 16.61 4.86
CA GLU A 36 11.51 17.15 4.23
C GLU A 36 11.71 16.43 2.89
N VAL A 37 11.68 17.17 1.80
CA VAL A 37 11.48 16.59 0.48
C VAL A 37 12.54 17.12 -0.49
N GLY A 38 13.25 16.20 -1.15
CA GLY A 38 14.12 16.52 -2.23
C GLY A 38 13.57 15.98 -3.55
N VAL A 39 14.19 16.41 -4.64
CA VAL A 39 13.73 16.10 -5.99
C VAL A 39 14.91 15.63 -6.84
N GLU A 40 14.74 14.51 -7.51
CA GLU A 40 15.69 14.00 -8.49
C GLU A 40 14.96 13.69 -9.78
N THR A 41 15.56 14.06 -10.91
CA THR A 41 14.88 13.96 -12.19
C THR A 41 15.45 12.89 -13.11
N ASP A 42 16.56 12.25 -12.73
CA ASP A 42 17.22 11.26 -13.57
C ASP A 42 17.29 9.93 -12.83
N GLY A 43 17.01 8.85 -13.56
CA GLY A 43 16.93 7.54 -12.93
C GLY A 43 18.28 7.04 -12.44
N ASN A 44 19.34 7.26 -13.21
CA ASN A 44 20.66 6.81 -12.79
C ASN A 44 21.18 7.62 -11.62
N ARG A 45 20.96 8.94 -11.62
CA ARG A 45 21.31 9.74 -10.46
C ARG A 45 20.51 9.31 -9.23
N ALA A 46 19.26 8.90 -9.44
CA ALA A 46 18.42 8.47 -8.32
C ALA A 46 18.99 7.24 -7.63
N ILE A 47 19.49 6.27 -8.41
CA ILE A 47 20.05 5.05 -7.81
C ILE A 47 21.15 5.41 -6.82
N ARG A 48 22.13 6.21 -7.26
CA ARG A 48 23.23 6.57 -6.39
C ARG A 48 22.74 7.39 -5.20
N ARG A 49 21.82 8.33 -5.46
CA ARG A 49 21.35 9.23 -4.42
C ARG A 49 20.53 8.50 -3.37
N ILE A 50 19.64 7.60 -3.80
CA ILE A 50 18.86 6.82 -2.84
C ILE A 50 19.77 6.03 -1.92
N ILE A 51 20.77 5.35 -2.49
CA ILE A 51 21.67 4.54 -1.68
C ILE A 51 22.49 5.43 -0.76
N SER A 52 22.93 6.58 -1.27
CA SER A 52 23.82 7.45 -0.49
C SER A 52 23.05 8.17 0.61
N GLU A 53 21.91 8.78 0.27
CA GLU A 53 21.19 9.63 1.21
C GLU A 53 20.24 8.86 2.12
N GLN A 54 19.82 7.66 1.73
CA GLN A 54 18.94 6.83 2.55
C GLN A 54 17.71 7.60 3.02
N PRO A 55 16.90 8.11 2.08
CA PRO A 55 15.64 8.75 2.48
C PRO A 55 14.73 7.75 3.19
N ASP A 56 13.82 8.29 4.00
CA ASP A 56 12.87 7.43 4.70
C ASP A 56 11.84 6.84 3.76
N LEU A 57 11.62 7.45 2.60
CA LEU A 57 10.68 6.95 1.62
C LEU A 57 10.99 7.59 0.27
N VAL A 58 10.79 6.82 -0.79
CA VAL A 58 10.98 7.29 -2.16
C VAL A 58 9.64 7.29 -2.87
N VAL A 59 9.30 8.41 -3.50
CA VAL A 59 8.19 8.50 -4.43
C VAL A 59 8.79 8.38 -5.82
N LEU A 60 8.49 7.26 -6.51
CA LEU A 60 9.28 6.84 -7.66
C LEU A 60 8.42 6.81 -8.91
N ASP A 61 8.75 7.69 -9.85
CA ASP A 61 8.24 7.63 -11.21
C ASP A 61 8.83 6.41 -11.92
N VAL A 62 8.14 5.92 -12.95
CA VAL A 62 8.60 4.75 -13.71
C VAL A 62 9.34 5.15 -14.98
N MET A 63 8.70 5.92 -15.86
CA MET A 63 9.35 6.34 -17.09
C MET A 63 10.29 7.49 -16.78
N LEU A 64 11.59 7.22 -16.84
CA LEU A 64 12.65 8.12 -16.44
C LEU A 64 13.81 8.00 -17.42
N PRO A 65 14.57 9.08 -17.64
CA PRO A 65 15.82 8.95 -18.39
C PRO A 65 16.88 8.24 -17.57
N GLY A 66 17.84 7.65 -18.27
CA GLY A 66 18.95 6.97 -17.64
C GLY A 66 18.60 5.57 -17.16
N ALA A 67 17.62 5.48 -16.27
CA ALA A 67 17.15 4.20 -15.76
C ALA A 67 15.69 4.33 -15.39
N ASP A 68 14.86 3.43 -15.89
CA ASP A 68 13.45 3.45 -15.56
C ASP A 68 13.24 3.12 -14.09
N GLY A 69 12.03 3.40 -13.59
CA GLY A 69 11.75 3.22 -12.19
C GLY A 69 11.86 1.78 -11.72
N LEU A 70 11.51 0.82 -12.58
CA LEU A 70 11.67 -0.58 -12.22
C LEU A 70 13.14 -0.91 -12.01
N THR A 71 14.01 -0.43 -12.90
CA THR A 71 15.44 -0.65 -12.72
C THR A 71 15.94 0.05 -11.46
N VAL A 72 15.51 1.29 -11.22
CA VAL A 72 15.88 1.99 -10.00
C VAL A 72 15.53 1.12 -8.79
N CYS A 73 14.30 0.60 -8.75
CA CYS A 73 13.88 -0.23 -7.64
C CYS A 73 14.78 -1.45 -7.49
N ARG A 74 15.03 -2.16 -8.60
CA ARG A 74 15.88 -3.34 -8.57
C ARG A 74 17.24 -3.03 -7.98
N GLU A 75 17.86 -1.94 -8.43
CA GLU A 75 19.27 -1.70 -8.12
C GLU A 75 19.47 -1.07 -6.75
N VAL A 76 18.48 -0.38 -6.20
CA VAL A 76 18.64 0.20 -4.86
C VAL A 76 18.28 -0.81 -3.77
N ARG A 77 17.39 -1.75 -4.05
CA ARG A 77 16.83 -2.59 -2.99
C ARG A 77 17.89 -3.36 -2.21
N PRO A 78 18.96 -3.88 -2.82
CA PRO A 78 19.99 -4.55 -2.01
C PRO A 78 20.63 -3.65 -0.96
N HIS A 79 20.59 -2.33 -1.15
CA HIS A 79 21.21 -1.38 -0.23
C HIS A 79 20.22 -0.37 0.31
N TYR A 80 18.92 -0.57 0.08
CA TYR A 80 17.90 0.39 0.51
C TYR A 80 16.62 -0.39 0.76
N HIS A 81 16.20 -0.45 2.03
CA HIS A 81 15.08 -1.29 2.43
C HIS A 81 13.86 -0.49 2.85
N GLN A 82 13.90 0.82 2.77
CA GLN A 82 12.79 1.65 3.20
C GLN A 82 11.69 1.66 2.13
N PRO A 83 10.51 2.18 2.46
CA PRO A 83 9.38 2.07 1.53
C PRO A 83 9.63 2.81 0.22
N ILE A 84 9.19 2.19 -0.87
CA ILE A 84 9.17 2.81 -2.19
C ILE A 84 7.73 2.86 -2.66
N LEU A 85 7.25 4.06 -2.96
CA LEU A 85 5.91 4.28 -3.49
C LEU A 85 6.06 4.70 -4.94
N MET A 86 5.65 3.84 -5.85
CA MET A 86 5.69 4.18 -7.27
C MET A 86 4.47 5.03 -7.62
N LEU A 87 4.70 6.12 -8.35
CA LEU A 87 3.66 7.06 -8.75
C LEU A 87 3.90 7.36 -10.21
N THR A 88 2.97 6.91 -11.07
CA THR A 88 3.31 6.76 -12.48
C THR A 88 2.05 6.81 -13.33
N ALA A 89 2.25 7.20 -14.60
CA ALA A 89 1.21 7.13 -15.61
C ALA A 89 1.12 5.74 -16.26
N ARG A 90 1.97 4.81 -15.87
CA ARG A 90 1.90 3.43 -16.37
C ARG A 90 0.91 2.70 -15.47
N THR A 91 -0.36 2.75 -15.86
CA THR A 91 -1.46 2.33 -15.00
C THR A 91 -2.09 1.01 -15.43
N GLU A 92 -1.51 0.30 -16.40
CA GLU A 92 -2.03 -1.00 -16.77
C GLU A 92 -1.85 -1.98 -15.61
N ASP A 93 -2.78 -2.93 -15.52
CA ASP A 93 -2.73 -3.90 -14.42
C ASP A 93 -1.39 -4.63 -14.39
N MET A 94 -0.90 -5.06 -15.55
CA MET A 94 0.41 -5.73 -15.59
C MET A 94 1.51 -4.80 -15.06
N ASP A 95 1.44 -3.52 -15.40
CA ASP A 95 2.44 -2.57 -14.89
C ASP A 95 2.43 -2.53 -13.37
N GLN A 96 1.23 -2.48 -12.78
CA GLN A 96 1.12 -2.37 -11.33
C GLN A 96 1.63 -3.64 -10.65
N VAL A 97 1.22 -4.80 -11.14
CA VAL A 97 1.69 -6.06 -10.57
C VAL A 97 3.21 -6.14 -10.66
N LEU A 98 3.75 -5.81 -11.84
CA LEU A 98 5.20 -5.90 -12.02
C LEU A 98 5.94 -4.97 -11.07
N GLY A 99 5.45 -3.74 -10.92
CA GLY A 99 6.12 -2.79 -10.02
C GLY A 99 6.16 -3.30 -8.59
N LEU A 100 5.03 -3.82 -8.10
CA LEU A 100 5.00 -4.39 -6.76
C LEU A 100 5.91 -5.62 -6.66
N GLU A 101 5.87 -6.51 -7.64
CA GLU A 101 6.72 -7.69 -7.58
C GLU A 101 8.20 -7.32 -7.72
N MET A 102 8.49 -6.19 -8.37
CA MET A 102 9.87 -5.72 -8.50
C MET A 102 10.45 -5.24 -7.17
N GLY A 103 9.60 -4.91 -6.20
CA GLY A 103 10.07 -4.49 -4.89
C GLY A 103 9.43 -3.22 -4.36
N ALA A 104 8.48 -2.65 -5.11
CA ALA A 104 7.76 -1.48 -4.65
C ALA A 104 6.74 -1.88 -3.57
N ASP A 105 6.55 -0.99 -2.60
CA ASP A 105 5.57 -1.21 -1.54
C ASP A 105 4.19 -0.74 -1.92
N ASP A 106 4.10 0.24 -2.81
CA ASP A 106 2.83 0.78 -3.24
C ASP A 106 2.97 1.23 -4.69
N TYR A 107 1.83 1.36 -5.36
CA TYR A 107 1.81 1.69 -6.79
C TYR A 107 0.58 2.55 -7.01
N VAL A 108 0.79 3.82 -7.34
CA VAL A 108 -0.26 4.81 -7.37
C VAL A 108 -0.32 5.40 -8.77
N ALA A 109 -1.55 5.55 -9.29
CA ALA A 109 -1.77 6.03 -10.64
C ALA A 109 -1.81 7.55 -10.64
N LYS A 110 -1.10 8.16 -11.60
CA LYS A 110 -1.28 9.58 -11.87
C LYS A 110 -2.58 9.79 -12.63
N PRO A 111 -3.27 10.92 -12.42
CA PRO A 111 -2.94 11.95 -11.43
C PRO A 111 -3.45 11.58 -10.05
N VAL A 112 -2.64 11.78 -9.02
CA VAL A 112 -3.01 11.48 -7.65
C VAL A 112 -3.46 12.77 -6.98
N GLN A 113 -4.51 12.68 -6.18
CA GLN A 113 -4.91 13.83 -5.37
C GLN A 113 -3.89 14.03 -4.25
N PRO A 114 -3.44 15.26 -4.00
CA PRO A 114 -2.38 15.46 -3.00
C PRO A 114 -2.68 14.81 -1.65
N ARG A 115 -3.89 14.95 -1.12
CA ARG A 115 -4.19 14.39 0.19
C ARG A 115 -4.10 12.87 0.20
N VAL A 116 -4.48 12.22 -0.90
CA VAL A 116 -4.33 10.78 -1.00
C VAL A 116 -2.85 10.41 -0.98
N LEU A 117 -2.04 11.10 -1.78
CA LEU A 117 -0.60 10.83 -1.77
C LEU A 117 -0.04 10.97 -0.37
N LEU A 118 -0.39 12.06 0.33
CA LEU A 118 0.09 12.25 1.69
C LEU A 118 -0.33 11.10 2.59
N ALA A 119 -1.58 10.65 2.47
CA ALA A 119 -2.08 9.59 3.34
C ALA A 119 -1.36 8.27 3.05
N ARG A 120 -1.07 7.99 1.78
CA ARG A 120 -0.38 6.75 1.43
C ARG A 120 1.08 6.79 1.88
N ILE A 121 1.72 7.95 1.79
CA ILE A 121 3.08 8.10 2.32
C ILE A 121 3.07 7.83 3.82
N ARG A 122 2.13 8.43 4.55
CA ARG A 122 2.07 8.25 5.99
C ARG A 122 1.77 6.80 6.37
N ALA A 123 0.91 6.14 5.59
CA ALA A 123 0.61 4.73 5.87
C ALA A 123 1.86 3.87 5.77
N LEU A 124 2.73 4.16 4.80
CA LEU A 124 3.97 3.40 4.65
C LEU A 124 4.96 3.72 5.76
N LEU A 125 5.04 4.99 6.16
CA LEU A 125 5.98 5.38 7.21
C LEU A 125 5.56 4.83 8.57
N ARG A 126 4.26 4.60 8.77
CA ARG A 126 3.81 3.95 10.00
C ARG A 126 4.49 2.61 10.20
N ARG A 127 4.78 1.89 9.11
CA ARG A 127 5.34 0.55 9.18
C ARG A 127 6.87 0.54 9.27
N THR A 128 7.49 1.67 9.62
CA THR A 128 8.94 1.73 9.72
C THR A 128 9.37 1.97 11.17
N GLU B 7 3.02 -30.98 7.11
CA GLU B 7 2.48 -29.66 7.38
C GLU B 7 3.12 -28.61 6.48
N GLU B 8 2.39 -27.51 6.26
CA GLU B 8 2.88 -26.42 5.42
C GLU B 8 2.08 -25.18 5.81
N LYS B 9 2.72 -24.24 6.49
CA LYS B 9 2.03 -23.09 7.06
C LYS B 9 2.01 -21.96 6.04
N LEU B 10 0.86 -21.76 5.43
CA LEU B 10 0.67 -20.68 4.47
C LEU B 10 0.28 -19.40 5.19
N PRO B 11 0.45 -18.24 4.55
CA PRO B 11 -0.08 -17.00 5.13
C PRO B 11 -1.59 -17.11 5.31
N LYS B 12 -2.07 -16.64 6.46
CA LYS B 12 -3.47 -16.72 6.82
C LYS B 12 -4.15 -15.38 6.51
N ILE B 13 -5.17 -15.42 5.65
CA ILE B 13 -5.92 -14.24 5.24
C ILE B 13 -7.35 -14.36 5.77
N LEU B 14 -7.87 -13.27 6.31
CA LEU B 14 -9.29 -13.17 6.63
C LEU B 14 -9.92 -12.12 5.74
N ILE B 15 -10.91 -12.54 4.97
CA ILE B 15 -11.73 -11.61 4.18
C ILE B 15 -12.94 -11.23 5.03
N VAL B 16 -13.14 -9.94 5.22
CA VAL B 16 -14.31 -9.41 5.91
C VAL B 16 -15.14 -8.68 4.87
N GLU B 17 -16.29 -9.25 4.51
CA GLU B 17 -17.07 -8.78 3.37
C GLU B 17 -18.49 -9.32 3.52
N ASP B 18 -19.48 -8.43 3.47
CA ASP B 18 -20.86 -8.85 3.70
C ASP B 18 -21.56 -9.33 2.42
N ASP B 19 -21.01 -9.06 1.25
CA ASP B 19 -21.50 -9.68 0.02
C ASP B 19 -20.93 -11.10 -0.03
N GLU B 20 -21.78 -12.08 0.29
CA GLU B 20 -21.28 -13.43 0.56
C GLU B 20 -20.70 -14.07 -0.69
N ARG B 21 -21.35 -13.90 -1.83
CA ARG B 21 -20.84 -14.49 -3.07
C ARG B 21 -19.52 -13.83 -3.48
N LEU B 22 -19.45 -12.50 -3.39
CA LEU B 22 -18.21 -11.80 -3.72
C LEU B 22 -17.07 -12.26 -2.81
N ALA B 23 -17.33 -12.34 -1.51
CA ALA B 23 -16.30 -12.80 -0.58
C ALA B 23 -15.81 -14.20 -0.96
N ARG B 24 -16.72 -15.08 -1.35
CA ARG B 24 -16.35 -16.46 -1.67
C ARG B 24 -15.51 -16.52 -2.94
N LEU B 25 -15.91 -15.77 -3.98
CA LEU B 25 -15.13 -15.75 -5.21
C LEU B 25 -13.72 -15.22 -4.97
N THR B 26 -13.59 -14.18 -4.15
CA THR B 26 -12.28 -13.67 -3.79
C THR B 26 -11.50 -14.72 -2.98
N GLN B 27 -12.18 -15.38 -2.05
CA GLN B 27 -11.54 -16.43 -1.25
C GLN B 27 -10.97 -17.53 -2.13
N GLU B 28 -11.77 -18.01 -3.09
CA GLU B 28 -11.33 -19.11 -3.94
C GLU B 28 -10.10 -18.70 -4.75
N TYR B 29 -10.11 -17.48 -5.30
CA TYR B 29 -8.97 -17.02 -6.09
C TYR B 29 -7.70 -17.01 -5.27
N LEU B 30 -7.75 -16.43 -4.06
CA LEU B 30 -6.56 -16.32 -3.24
C LEU B 30 -6.06 -17.69 -2.77
N ILE B 31 -6.97 -18.63 -2.54
CA ILE B 31 -6.55 -19.98 -2.16
C ILE B 31 -5.78 -20.63 -3.31
N ARG B 32 -6.17 -20.36 -4.55
CA ARG B 32 -5.45 -20.88 -5.70
C ARG B 32 -4.08 -20.23 -5.88
N ASN B 33 -3.72 -19.25 -5.05
CA ASN B 33 -2.45 -18.54 -5.20
C ASN B 33 -1.66 -18.56 -3.90
N GLY B 34 -1.69 -19.70 -3.21
CA GLY B 34 -0.77 -19.96 -2.12
C GLY B 34 -1.16 -19.38 -0.78
N LEU B 35 -2.43 -19.11 -0.54
CA LEU B 35 -2.88 -18.50 0.70
C LEU B 35 -3.97 -19.35 1.34
N GLU B 36 -4.01 -19.32 2.66
CA GLU B 36 -5.08 -19.91 3.45
C GLU B 36 -6.05 -18.78 3.82
N VAL B 37 -7.32 -18.94 3.46
CA VAL B 37 -8.26 -17.82 3.47
C VAL B 37 -9.56 -18.25 4.15
N GLY B 38 -9.99 -17.46 5.13
CA GLY B 38 -11.31 -17.56 5.72
C GLY B 38 -12.15 -16.33 5.36
N VAL B 39 -13.44 -16.45 5.63
CA VAL B 39 -14.41 -15.42 5.26
C VAL B 39 -15.27 -15.10 6.49
N GLU B 40 -15.44 -13.81 6.76
CA GLU B 40 -16.37 -13.33 7.76
C GLU B 40 -17.25 -12.25 7.14
N THR B 41 -18.55 -12.31 7.41
CA THR B 41 -19.51 -11.43 6.76
C THR B 41 -20.09 -10.36 7.67
N ASP B 42 -19.77 -10.38 8.96
CA ASP B 42 -20.31 -9.43 9.93
C ASP B 42 -19.18 -8.67 10.60
N GLY B 43 -19.36 -7.36 10.74
CA GLY B 43 -18.29 -6.53 11.28
C GLY B 43 -17.98 -6.80 12.74
N ASN B 44 -19.01 -7.03 13.55
CA ASN B 44 -18.76 -7.29 14.97
C ASN B 44 -18.14 -8.67 15.17
N ARG B 45 -18.61 -9.66 14.43
CA ARG B 45 -17.95 -10.96 14.46
C ARG B 45 -16.50 -10.85 14.00
N ALA B 46 -16.24 -9.99 13.01
CA ALA B 46 -14.88 -9.82 12.51
C ALA B 46 -13.95 -9.28 13.58
N ILE B 47 -14.42 -8.34 14.39
CA ILE B 47 -13.60 -7.77 15.46
C ILE B 47 -13.09 -8.88 16.37
N ARG B 48 -14.01 -9.71 16.88
CA ARG B 48 -13.62 -10.77 17.81
C ARG B 48 -12.74 -11.80 17.12
N ARG B 49 -13.05 -12.11 15.86
CA ARG B 49 -12.30 -13.13 15.14
C ARG B 49 -10.89 -12.66 14.79
N ILE B 50 -10.75 -11.41 14.35
CA ILE B 50 -9.43 -10.87 14.07
C ILE B 50 -8.55 -10.94 15.31
N ILE B 51 -9.10 -10.51 16.46
CA ILE B 51 -8.30 -10.45 17.68
C ILE B 51 -7.91 -11.85 18.14
N SER B 52 -8.83 -12.81 18.05
CA SER B 52 -8.55 -14.14 18.58
C SER B 52 -7.74 -14.98 17.59
N GLU B 53 -8.03 -14.89 16.29
CA GLU B 53 -7.37 -15.72 15.30
C GLU B 53 -6.05 -15.14 14.81
N GLN B 54 -5.86 -13.83 14.92
CA GLN B 54 -4.63 -13.17 14.51
C GLN B 54 -4.20 -13.57 13.10
N PRO B 55 -5.03 -13.31 12.09
CA PRO B 55 -4.60 -13.60 10.71
C PRO B 55 -3.38 -12.78 10.33
N ASP B 56 -2.64 -13.29 9.35
CA ASP B 56 -1.46 -12.57 8.87
C ASP B 56 -1.85 -11.29 8.13
N LEU B 57 -3.06 -11.24 7.58
CA LEU B 57 -3.54 -10.05 6.88
C LEU B 57 -5.05 -10.11 6.80
N VAL B 58 -5.69 -8.95 6.90
CA VAL B 58 -7.14 -8.82 6.77
C VAL B 58 -7.44 -8.03 5.51
N VAL B 59 -8.36 -8.55 4.70
CA VAL B 59 -8.95 -7.82 3.58
C VAL B 59 -10.30 -7.31 4.07
N LEU B 60 -10.42 -5.99 4.24
CA LEU B 60 -11.50 -5.41 5.03
C LEU B 60 -12.41 -4.55 4.17
N ASP B 61 -13.67 -4.99 4.05
CA ASP B 61 -14.75 -4.15 3.54
C ASP B 61 -15.05 -3.02 4.53
N VAL B 62 -15.64 -1.94 4.01
CA VAL B 62 -15.97 -0.79 4.87
C VAL B 62 -17.43 -0.86 5.31
N MET B 63 -18.36 -0.88 4.36
CA MET B 63 -19.78 -0.94 4.70
C MET B 63 -20.12 -2.37 5.09
N LEU B 64 -20.34 -2.58 6.39
CA LEU B 64 -20.59 -3.88 6.97
C LEU B 64 -21.70 -3.79 7.99
N PRO B 65 -22.47 -4.87 8.19
CA PRO B 65 -23.41 -4.89 9.31
C PRO B 65 -22.67 -5.03 10.64
N GLY B 66 -23.30 -4.51 11.69
CA GLY B 66 -22.76 -4.61 13.03
C GLY B 66 -21.70 -3.56 13.33
N ALA B 67 -20.61 -3.58 12.56
CA ALA B 67 -19.54 -2.61 12.71
C ALA B 67 -18.93 -2.37 11.35
N ASP B 68 -18.87 -1.11 10.94
CA ASP B 68 -18.24 -0.75 9.69
C ASP B 68 -16.72 -0.90 9.78
N GLY B 69 -16.06 -0.80 8.62
CA GLY B 69 -14.62 -1.03 8.57
C GLY B 69 -13.81 -0.07 9.42
N LEU B 70 -14.27 1.18 9.54
CA LEU B 70 -13.55 2.13 10.39
C LEU B 70 -13.64 1.74 11.85
N THR B 71 -14.84 1.33 12.30
CA THR B 71 -15.00 0.84 13.66
C THR B 71 -14.18 -0.42 13.88
N VAL B 72 -14.14 -1.31 12.88
CA VAL B 72 -13.32 -2.52 13.01
C VAL B 72 -11.87 -2.15 13.28
N CYS B 73 -11.34 -1.19 12.50
CA CYS B 73 -9.96 -0.74 12.70
C CYS B 73 -9.77 -0.19 14.11
N ARG B 74 -10.67 0.69 14.55
CA ARG B 74 -10.52 1.27 15.88
C ARG B 74 -10.47 0.17 16.94
N GLU B 75 -11.33 -0.85 16.82
CA GLU B 75 -11.45 -1.84 17.89
C GLU B 75 -10.37 -2.91 17.84
N VAL B 76 -9.85 -3.27 16.66
CA VAL B 76 -8.88 -4.35 16.60
C VAL B 76 -7.45 -3.85 16.74
N ARG B 77 -7.17 -2.60 16.38
CA ARG B 77 -5.78 -2.15 16.29
C ARG B 77 -5.04 -2.17 17.62
N PRO B 78 -5.66 -1.96 18.78
CA PRO B 78 -4.91 -2.12 20.04
C PRO B 78 -4.41 -3.54 20.27
N HIS B 79 -5.04 -4.54 19.66
CA HIS B 79 -4.72 -5.94 19.92
C HIS B 79 -4.31 -6.69 18.66
N TYR B 80 -4.24 -6.00 17.52
CA TYR B 80 -3.95 -6.64 16.24
C TYR B 80 -3.11 -5.68 15.42
N HIS B 81 -1.90 -6.10 15.06
CA HIS B 81 -0.92 -5.22 14.45
C HIS B 81 -0.51 -5.63 13.05
N GLN B 82 -1.13 -6.66 12.48
CA GLN B 82 -0.77 -7.12 11.14
C GLN B 82 -1.44 -6.26 10.09
N PRO B 83 -1.05 -6.42 8.83
CA PRO B 83 -1.57 -5.53 7.78
C PRO B 83 -3.07 -5.66 7.58
N ILE B 84 -3.72 -4.52 7.35
CA ILE B 84 -5.13 -4.44 6.96
C ILE B 84 -5.17 -3.78 5.59
N LEU B 85 -5.76 -4.48 4.62
CA LEU B 85 -5.99 -3.94 3.29
C LEU B 85 -7.49 -3.70 3.15
N MET B 86 -7.89 -2.44 3.06
CA MET B 86 -9.29 -2.12 2.85
C MET B 86 -9.63 -2.28 1.38
N LEU B 87 -10.73 -2.97 1.10
CA LEU B 87 -11.22 -3.23 -0.25
C LEU B 87 -12.70 -2.88 -0.25
N THR B 88 -13.08 -1.82 -0.95
CA THR B 88 -14.36 -1.19 -0.70
C THR B 88 -14.84 -0.43 -1.92
N ALA B 89 -16.17 -0.31 -2.04
CA ALA B 89 -16.79 0.56 -3.03
C ALA B 89 -16.85 2.01 -2.56
N ARG B 90 -16.37 2.31 -1.36
CA ARG B 90 -16.27 3.70 -0.86
C ARG B 90 -14.97 4.29 -1.40
N THR B 91 -15.04 4.84 -2.60
CA THR B 91 -13.84 5.17 -3.37
C THR B 91 -13.49 6.64 -3.39
N GLU B 92 -14.28 7.50 -2.74
CA GLU B 92 -13.97 8.93 -2.72
C GLU B 92 -12.67 9.20 -1.97
N ASP B 93 -12.02 10.32 -2.32
CA ASP B 93 -10.73 10.65 -1.72
C ASP B 93 -10.82 10.72 -0.20
N MET B 94 -11.88 11.33 0.32
CA MET B 94 -12.03 11.45 1.78
C MET B 94 -12.15 10.08 2.44
N ASP B 95 -12.86 9.15 1.79
CA ASP B 95 -12.98 7.80 2.34
C ASP B 95 -11.62 7.14 2.44
N GLN B 96 -10.79 7.28 1.40
CA GLN B 96 -9.49 6.65 1.40
C GLN B 96 -8.59 7.22 2.48
N VAL B 97 -8.56 8.55 2.60
CA VAL B 97 -7.73 9.18 3.63
C VAL B 97 -8.15 8.71 5.01
N LEU B 98 -9.46 8.71 5.28
CA LEU B 98 -9.96 8.31 6.59
C LEU B 98 -9.60 6.86 6.89
N GLY B 99 -9.77 5.97 5.92
CA GLY B 99 -9.44 4.57 6.14
C GLY B 99 -7.97 4.36 6.46
N LEU B 100 -7.09 5.01 5.70
CA LEU B 100 -5.67 4.91 5.96
C LEU B 100 -5.29 5.53 7.29
N GLU B 101 -5.85 6.72 7.60
CA GLU B 101 -5.54 7.36 8.86
C GLU B 101 -6.06 6.56 10.05
N MET B 102 -7.10 5.76 9.85
CA MET B 102 -7.64 4.93 10.92
C MET B 102 -6.88 3.62 11.12
N GLY B 103 -5.80 3.38 10.38
CA GLY B 103 -4.94 2.24 10.61
C GLY B 103 -4.91 1.21 9.50
N ALA B 104 -5.65 1.40 8.42
CA ALA B 104 -5.49 0.51 7.27
C ALA B 104 -4.17 0.78 6.59
N ASP B 105 -3.52 -0.28 6.12
CA ASP B 105 -2.22 -0.15 5.48
C ASP B 105 -2.33 0.03 3.98
N ASP B 106 -3.47 -0.30 3.40
CA ASP B 106 -3.73 -0.08 1.98
C ASP B 106 -5.23 0.14 1.82
N TYR B 107 -5.60 0.75 0.71
CA TYR B 107 -6.99 1.10 0.45
C TYR B 107 -7.24 0.90 -1.04
N VAL B 108 -8.06 -0.09 -1.38
CA VAL B 108 -8.23 -0.53 -2.76
C VAL B 108 -9.69 -0.36 -3.14
N ALA B 109 -9.93 0.18 -4.33
CA ALA B 109 -11.27 0.42 -4.83
C ALA B 109 -11.83 -0.82 -5.51
N LYS B 110 -13.08 -1.14 -5.20
CA LYS B 110 -13.82 -2.12 -5.97
C LYS B 110 -14.29 -1.50 -7.29
N PRO B 111 -14.34 -2.27 -8.39
CA PRO B 111 -13.90 -3.66 -8.51
C PRO B 111 -12.39 -3.74 -8.75
N VAL B 112 -11.72 -4.67 -8.09
CA VAL B 112 -10.27 -4.82 -8.21
C VAL B 112 -9.98 -6.02 -9.10
N GLN B 113 -8.98 -5.87 -9.96
CA GLN B 113 -8.53 -7.00 -10.77
C GLN B 113 -7.89 -8.03 -9.86
N PRO B 114 -8.23 -9.32 -9.98
CA PRO B 114 -7.72 -10.32 -9.01
C PRO B 114 -6.21 -10.29 -8.84
N ARG B 115 -5.45 -10.19 -9.93
CA ARG B 115 -4.00 -10.23 -9.81
C ARG B 115 -3.46 -8.99 -9.09
N VAL B 116 -4.14 -7.85 -9.24
CA VAL B 116 -3.73 -6.65 -8.52
C VAL B 116 -3.95 -6.83 -7.03
N LEU B 117 -5.12 -7.33 -6.65
CA LEU B 117 -5.38 -7.61 -5.24
C LEU B 117 -4.32 -8.55 -4.67
N LEU B 118 -4.00 -9.62 -5.41
CA LEU B 118 -2.98 -10.55 -4.95
C LEU B 118 -1.63 -9.87 -4.79
N ALA B 119 -1.24 -9.05 -5.76
CA ALA B 119 0.05 -8.38 -5.68
C ALA B 119 0.09 -7.41 -4.49
N ARG B 120 -1.02 -6.73 -4.21
CA ARG B 120 -1.06 -5.80 -3.09
C ARG B 120 -1.00 -6.54 -1.75
N ILE B 121 -1.68 -7.68 -1.66
CA ILE B 121 -1.56 -8.52 -0.47
C ILE B 121 -0.11 -8.96 -0.28
N ARG B 122 0.51 -9.44 -1.34
CA ARG B 122 1.89 -9.94 -1.25
C ARG B 122 2.85 -8.83 -0.84
N ALA B 123 2.63 -7.61 -1.33
CA ALA B 123 3.51 -6.50 -0.98
C ALA B 123 3.44 -6.18 0.51
N LEU B 124 2.24 -6.26 1.10
CA LEU B 124 2.10 -6.01 2.52
C LEU B 124 2.71 -7.14 3.35
N LEU B 125 2.47 -8.39 2.93
CA LEU B 125 3.06 -9.52 3.65
C LEU B 125 4.58 -9.50 3.54
N ARG B 126 5.11 -9.09 2.40
CA ARG B 126 6.55 -9.01 2.22
C ARG B 126 7.16 -8.00 3.18
N ARG B 127 6.55 -6.83 3.29
CA ARG B 127 7.07 -5.80 4.20
C ARG B 127 7.07 -6.29 5.65
N THR B 128 6.00 -6.98 6.05
CA THR B 128 5.93 -7.53 7.40
C THR B 128 7.01 -8.58 7.61
N ASP B 129 7.16 -9.52 6.67
CA ASP B 129 8.12 -10.60 6.83
C ASP B 129 9.55 -10.10 6.79
N LYS B 130 9.80 -9.01 6.06
CA LYS B 130 11.13 -8.41 6.01
C LYS B 130 11.38 -7.45 7.17
N THR B 131 10.45 -7.36 8.11
CA THR B 131 10.58 -6.48 9.26
C THR B 131 10.93 -7.29 10.50
BE BEF C . 5.99 8.28 -15.14
F1 BEF C . 5.96 6.74 -15.27
F2 BEF C . 4.53 8.84 -15.22
F3 BEF C . 6.78 8.86 -16.32
MG MG D . 8.38 10.15 -16.13
BE BEF E . -17.93 -2.19 0.96
F1 BEF E . -17.53 -0.83 1.58
F2 BEF E . -19.41 -2.52 1.31
F3 BEF E . -17.78 -2.09 -0.56
MG MG F . -20.07 -4.15 2.29
#